data_6MF5
#
_entry.id   6MF5
#
_cell.length_a   51.470
_cell.length_b   68.190
_cell.length_c   86.230
_cell.angle_alpha   90.00
_cell.angle_beta   102.59
_cell.angle_gamma   90.00
#
_symmetry.space_group_name_H-M   'P 1 21 1'
#
loop_
_entity.id
_entity.type
_entity.pdbx_description
1 polymer 'Cell cycle serine/threonine-protein kinase CDC5/MSD2'
2 polymer Spc72
3 non-polymer 'CHLORIDE ION'
4 water water
#
loop_
_entity_poly.entity_id
_entity_poly.type
_entity_poly.pdbx_seq_one_letter_code
_entity_poly.pdbx_strand_id
1 'polypeptide(L)'
;GALSPGGTKQKYKEVVDIEAQRRLNDLAREARIRRAQQAVLRKELIATSTNVIKSEISLRILASECHLTLNGIVEAEAQY
KMGGLPKSRLPKIKHPMIVTKWVDYSNKHGFSYQLSTEDIGVLFNNGTTVLRLADAEEFWYISYDDREGWVASHYLLSEK
PRELSRHLEVVDFFAKYMKANLSRVSTFGREEYHKDDVFLRRYTRYKPFVMFELSDGTFQFNFKDHHKMAISDGGKLVTY
ISPSHESTTYPLVEVLKYGEIPGYPESNFREKLTLIKEGLKQKSTIVTVD
;
A,B
2 'polypeptide(L)' SLAQS(SEP)PAGSQ C,D
#
loop_
_chem_comp.id
_chem_comp.type
_chem_comp.name
_chem_comp.formula
CL non-polymer 'CHLORIDE ION' 'Cl -1'
#
# COMPACT_ATOMS: atom_id res chain seq x y z
N ALA A 20 -7.97 -39.76 -4.77
CA ALA A 20 -8.99 -38.75 -5.04
C ALA A 20 -8.40 -37.60 -5.86
N GLN A 21 -9.26 -36.68 -6.26
CA GLN A 21 -8.82 -35.45 -6.93
C GLN A 21 -8.22 -34.49 -5.90
N ARG A 22 -8.30 -34.86 -4.63
CA ARG A 22 -7.73 -34.05 -3.57
C ARG A 22 -6.21 -33.98 -3.68
N ARG A 23 -5.63 -34.96 -4.37
CA ARG A 23 -4.19 -34.98 -4.61
C ARG A 23 -3.79 -33.81 -5.50
N LEU A 24 -4.50 -33.66 -6.61
CA LEU A 24 -4.28 -32.55 -7.53
C LEU A 24 -4.55 -31.22 -6.83
N ASN A 25 -5.49 -31.24 -5.90
CA ASN A 25 -5.86 -30.05 -5.14
C ASN A 25 -4.79 -29.70 -4.10
N ASP A 26 -4.35 -30.71 -3.35
CA ASP A 26 -3.35 -30.51 -2.30
C ASP A 26 -2.01 -30.06 -2.87
N LEU A 27 -1.69 -30.51 -4.06
CA LEU A 27 -0.45 -30.12 -4.73
C LEU A 27 -0.53 -28.67 -5.19
N ALA A 28 -1.66 -28.31 -5.77
CA ALA A 28 -1.90 -26.94 -6.21
C ALA A 28 -1.90 -26.00 -5.01
N ARG A 29 -2.42 -26.48 -3.89
CA ARG A 29 -2.43 -25.71 -2.66
C ARG A 29 -1.00 -25.40 -2.22
N GLU A 30 -0.18 -26.45 -2.19
CA GLU A 30 1.21 -26.34 -1.75
C GLU A 30 1.98 -25.33 -2.59
N ALA A 31 1.80 -25.37 -3.90
CA ALA A 31 2.45 -24.43 -4.81
C ALA A 31 1.96 -23.00 -4.54
N ARG A 32 0.74 -22.88 -4.01
CA ARG A 32 0.19 -21.57 -3.69
C ARG A 32 0.89 -20.97 -2.48
N ILE A 33 1.17 -21.83 -1.49
CA ILE A 33 1.77 -21.36 -0.26
C ILE A 33 3.24 -20.96 -0.48
N ARG A 34 3.91 -21.69 -1.37
CA ARG A 34 5.27 -21.34 -1.75
C ARG A 34 5.30 -19.96 -2.38
N ARG A 35 4.41 -19.73 -3.34
CA ARG A 35 4.36 -18.46 -4.06
C ARG A 35 3.91 -17.30 -3.17
N ALA A 36 3.17 -17.61 -2.10
CA ALA A 36 2.68 -16.58 -1.18
C ALA A 36 3.82 -16.08 -0.28
N GLN A 37 4.94 -16.79 -0.29
CA GLN A 37 6.08 -16.45 0.54
C GLN A 37 7.07 -15.56 -0.22
N GLN A 38 6.76 -15.30 -1.49
CA GLN A 38 7.57 -14.41 -2.31
C GLN A 38 6.75 -13.16 -2.65
N ALA A 39 7.37 -12.19 -3.31
CA ALA A 39 6.70 -10.95 -3.66
C ALA A 39 6.43 -10.65 -5.13
N VAL A 40 5.46 -9.77 -5.36
CA VAL A 40 5.15 -9.24 -6.68
C VAL A 40 4.28 -8.02 -6.47
N LEU A 41 4.50 -6.98 -7.28
CA LEU A 41 3.79 -5.73 -7.13
C LEU A 41 3.99 -5.16 -5.72
N ARG A 42 5.22 -5.28 -5.23
CA ARG A 42 5.56 -4.84 -3.88
C ARG A 42 6.03 -3.39 -3.90
N LYS A 43 5.53 -2.60 -2.95
CA LYS A 43 5.83 -1.17 -2.88
C LYS A 43 7.30 -0.89 -2.58
N GLU A 44 7.92 -0.10 -3.44
CA GLU A 44 9.25 0.47 -3.17
C GLU A 44 9.08 1.95 -2.84
N LEU A 45 9.92 2.46 -1.94
CA LEU A 45 9.80 3.85 -1.50
C LEU A 45 9.96 4.82 -2.66
N ILE A 46 8.94 5.66 -2.84
CA ILE A 46 8.94 6.69 -3.87
C ILE A 46 8.67 8.05 -3.24
N ALA A 47 9.54 9.01 -3.53
CA ALA A 47 9.36 10.36 -3.02
C ALA A 47 8.41 11.14 -3.92
N THR A 48 7.28 11.55 -3.35
CA THR A 48 6.34 12.40 -4.08
C THR A 48 6.72 13.87 -3.93
N SER A 49 7.57 14.17 -2.94
CA SER A 49 8.06 15.53 -2.75
C SER A 49 9.36 15.57 -1.96
N THR A 50 10.31 16.35 -2.45
CA THR A 50 11.56 16.61 -1.73
C THR A 50 12.18 17.91 -2.21
N ASN A 51 12.83 18.64 -1.31
CA ASN A 51 13.58 19.82 -1.71
C ASN A 51 14.74 19.41 -2.60
N VAL A 52 14.99 20.22 -3.62
CA VAL A 52 16.06 19.89 -4.57
C VAL A 52 17.38 20.52 -4.13
N ILE A 53 18.45 19.72 -4.23
CA ILE A 53 19.78 20.16 -3.86
C ILE A 53 20.63 20.28 -5.12
N LYS A 54 21.09 21.49 -5.41
CA LYS A 54 21.81 21.78 -6.63
C LYS A 54 23.32 21.64 -6.48
N SER A 55 23.75 20.89 -5.46
CA SER A 55 25.17 20.69 -5.20
C SER A 55 25.49 19.22 -4.98
N GLU A 56 26.48 18.73 -5.72
CA GLU A 56 26.92 17.34 -5.59
C GLU A 56 27.59 17.11 -4.23
N ILE A 57 28.40 18.07 -3.80
CA ILE A 57 29.07 17.99 -2.50
C ILE A 57 28.04 17.91 -1.38
N SER A 58 26.98 18.72 -1.46
CA SER A 58 25.93 18.71 -0.44
C SER A 58 25.27 17.35 -0.37
N LEU A 59 25.09 16.72 -1.54
CA LEU A 59 24.48 15.40 -1.59
C LEU A 59 25.40 14.34 -0.99
N ARG A 60 26.70 14.47 -1.23
CA ARG A 60 27.68 13.54 -0.69
C ARG A 60 27.66 13.55 0.82
N ILE A 61 27.50 14.74 1.40
CA ILE A 61 27.43 14.89 2.85
C ILE A 61 26.14 14.27 3.39
N LEU A 62 25.04 14.44 2.67
CA LEU A 62 23.77 13.83 3.05
C LEU A 62 23.87 12.31 2.95
N ALA A 63 24.31 11.83 1.80
CA ALA A 63 24.44 10.40 1.55
C ALA A 63 25.31 9.75 2.61
N SER A 64 26.42 10.42 2.95
CA SER A 64 27.32 9.96 3.98
C SER A 64 26.61 9.78 5.32
N GLU A 65 25.87 10.81 5.74
CA GLU A 65 25.21 10.82 7.03
C GLU A 65 24.18 9.70 7.13
N CYS A 66 23.57 9.37 6.01
CA CYS A 66 22.63 8.25 5.95
C CYS A 66 23.35 6.93 6.18
N HIS A 67 24.56 6.82 5.60
CA HIS A 67 25.35 5.61 5.71
C HIS A 67 25.87 5.42 7.13
N LEU A 68 26.42 6.48 7.72
CA LEU A 68 26.94 6.42 9.08
C LEU A 68 25.84 6.06 10.07
N THR A 69 24.69 6.71 9.93
CA THR A 69 23.58 6.48 10.84
C THR A 69 22.98 5.09 10.62
N LEU A 70 22.95 4.64 9.37
CA LEU A 70 22.47 3.30 9.06
C LEU A 70 23.38 2.27 9.73
N ASN A 71 24.68 2.48 9.61
CA ASN A 71 25.67 1.58 10.21
C ASN A 71 25.47 1.41 11.71
N GLY A 72 25.06 2.49 12.38
CA GLY A 72 24.79 2.43 13.80
C GLY A 72 23.59 1.57 14.11
N ILE A 73 22.60 1.60 13.22
CA ILE A 73 21.41 0.77 13.36
C ILE A 73 21.79 -0.70 13.17
N VAL A 74 22.49 -0.96 12.07
CA VAL A 74 22.85 -2.33 11.69
C VAL A 74 23.82 -2.93 12.70
N GLU A 75 24.78 -2.12 13.16
CA GLU A 75 25.70 -2.56 14.20
C GLU A 75 24.95 -2.91 15.47
N ALA A 76 23.95 -2.10 15.81
CA ALA A 76 23.13 -2.32 16.99
C ALA A 76 22.14 -3.46 16.77
N GLU A 77 21.89 -3.80 15.51
CA GLU A 77 20.98 -4.89 15.18
C GLU A 77 21.64 -6.24 15.35
N ALA A 78 22.90 -6.33 14.96
CA ALA A 78 23.66 -7.57 15.07
C ALA A 78 24.29 -7.72 16.44
N GLN A 79 24.07 -6.74 17.32
CA GLN A 79 24.77 -6.68 18.59
C GLN A 79 23.88 -6.52 19.83
N TYR A 80 22.60 -6.89 19.74
CA TYR A 80 21.76 -6.83 20.94
C TYR A 80 21.92 -8.11 21.76
N LYS A 81 22.27 -9.21 21.09
CA LYS A 81 22.64 -10.44 21.77
C LYS A 81 24.14 -10.43 22.11
N ILE A 93 20.88 9.14 27.61
CA ILE A 93 19.50 9.59 27.41
C ILE A 93 19.44 11.12 27.30
N LYS A 94 19.70 11.61 26.09
CA LYS A 94 19.55 13.04 25.79
C LYS A 94 18.59 13.18 24.62
N HIS A 95 17.69 14.15 24.72
CA HIS A 95 16.63 14.29 23.73
C HIS A 95 17.09 15.10 22.52
N PRO A 96 16.89 14.55 21.31
CA PRO A 96 17.35 15.24 20.11
C PRO A 96 16.42 16.36 19.70
N MET A 97 16.91 17.30 18.91
CA MET A 97 16.05 18.32 18.32
C MET A 97 15.14 17.64 17.31
N ILE A 98 13.88 18.07 17.27
CA ILE A 98 12.89 17.44 16.40
C ILE A 98 12.09 18.49 15.64
N VAL A 99 11.31 18.04 14.69
CA VAL A 99 10.40 18.88 13.94
C VAL A 99 9.00 18.76 14.55
N THR A 100 8.54 19.82 15.19
CA THR A 100 7.28 19.78 15.93
C THR A 100 6.08 19.99 15.00
N LYS A 101 6.28 20.68 13.90
CA LYS A 101 5.25 20.81 12.87
C LYS A 101 5.82 21.32 11.56
N TRP A 102 5.09 21.10 10.46
CA TRP A 102 5.59 21.42 9.14
C TRP A 102 4.48 21.61 8.11
N VAL A 103 4.82 22.24 6.99
CA VAL A 103 3.89 22.46 5.88
C VAL A 103 4.61 22.36 4.54
N ASP A 104 4.20 21.39 3.72
CA ASP A 104 4.72 21.27 2.36
C ASP A 104 3.84 22.08 1.41
N TYR A 105 4.19 23.35 1.23
CA TYR A 105 3.51 24.24 0.30
C TYR A 105 4.41 24.51 -0.91
N SER A 106 5.25 23.51 -1.23
CA SER A 106 6.33 23.65 -2.20
C SER A 106 5.91 24.24 -3.54
N ASN A 107 4.67 24.01 -3.93
CA ASN A 107 4.20 24.51 -5.23
C ASN A 107 3.92 26.00 -5.26
N LYS A 108 3.63 26.58 -4.10
CA LYS A 108 3.31 28.00 -3.99
C LYS A 108 4.48 28.77 -3.37
N HIS A 109 4.57 28.71 -2.04
CA HIS A 109 5.51 29.56 -1.30
C HIS A 109 6.79 28.80 -0.97
N GLY A 110 6.64 27.62 -0.39
CA GLY A 110 7.78 26.80 0.00
C GLY A 110 7.44 25.88 1.15
N PHE A 111 8.43 25.10 1.58
CA PHE A 111 8.25 24.18 2.70
C PHE A 111 8.63 24.87 4.00
N SER A 112 7.79 24.72 5.02
CA SER A 112 8.03 25.33 6.32
C SER A 112 8.03 24.27 7.42
N TYR A 113 8.73 24.58 8.51
CA TYR A 113 8.79 23.68 9.65
C TYR A 113 9.08 24.46 10.93
N GLN A 114 8.81 23.82 12.07
CA GLN A 114 9.12 24.39 13.38
C GLN A 114 9.82 23.34 14.21
N LEU A 115 10.94 23.73 14.81
CA LEU A 115 11.75 22.81 15.59
C LEU A 115 11.35 22.84 17.06
N SER A 116 11.79 21.85 17.82
CA SER A 116 11.51 21.79 19.25
C SER A 116 12.02 23.04 19.98
N THR A 117 12.94 23.73 19.33
CA THR A 117 13.48 24.99 19.83
C THR A 117 12.54 26.14 19.47
N GLU A 118 11.48 25.83 18.73
CA GLU A 118 10.47 26.79 18.31
C GLU A 118 11.03 27.81 17.32
N ASP A 119 12.23 27.55 16.80
CA ASP A 119 12.72 28.29 15.64
C ASP A 119 11.90 27.88 14.43
N ILE A 120 11.83 28.75 13.43
CA ILE A 120 11.07 28.49 12.22
C ILE A 120 11.98 28.54 11.00
N GLY A 121 11.88 27.51 10.17
CA GLY A 121 12.61 27.46 8.92
C GLY A 121 11.66 27.45 7.73
N VAL A 122 12.15 27.93 6.59
CA VAL A 122 11.41 27.86 5.34
C VAL A 122 12.35 27.47 4.22
N LEU A 123 12.09 26.32 3.61
CA LEU A 123 12.83 25.89 2.43
C LEU A 123 12.18 26.43 1.17
N PHE A 124 12.84 27.41 0.55
CA PHE A 124 12.32 28.02 -0.67
C PHE A 124 12.63 27.14 -1.87
N ASN A 125 11.81 27.25 -2.91
CA ASN A 125 11.89 26.34 -4.05
C ASN A 125 13.18 26.47 -4.85
N ASN A 126 13.91 27.55 -4.61
CA ASN A 126 15.21 27.74 -5.24
C ASN A 126 16.31 27.01 -4.47
N GLY A 127 15.93 26.44 -3.33
CA GLY A 127 16.86 25.67 -2.51
C GLY A 127 17.29 26.40 -1.25
N THR A 128 17.19 27.72 -1.27
CA THR A 128 17.64 28.53 -0.12
C THR A 128 16.72 28.34 1.07
N THR A 129 17.18 28.80 2.22
CA THR A 129 16.48 28.63 3.47
C THR A 129 16.60 29.88 4.33
N VAL A 130 15.54 30.19 5.07
CA VAL A 130 15.61 31.20 6.12
C VAL A 130 15.17 30.56 7.42
N LEU A 131 16.04 30.64 8.42
CA LEU A 131 15.78 30.08 9.74
C LEU A 131 15.68 31.22 10.74
N ARG A 132 14.47 31.49 11.20
CA ARG A 132 14.23 32.57 12.15
C ARG A 132 14.23 32.01 13.55
N LEU A 133 15.05 32.59 14.42
CA LEU A 133 15.24 32.05 15.77
C LEU A 133 14.06 32.43 16.66
N ALA A 134 14.06 31.90 17.88
CA ALA A 134 12.87 31.87 18.74
C ALA A 134 12.12 33.16 19.04
N GLU A 137 14.44 38.41 17.32
CA GLU A 137 15.84 38.78 17.39
C GLU A 137 16.60 38.72 16.05
N GLU A 138 16.70 37.54 15.45
CA GLU A 138 17.60 37.34 14.33
C GLU A 138 17.24 36.11 13.48
N PHE A 139 17.91 35.97 12.35
CA PHE A 139 17.68 34.85 11.45
C PHE A 139 18.94 34.43 10.70
N TRP A 140 18.97 33.17 10.27
CA TRP A 140 20.01 32.65 9.39
C TRP A 140 19.50 32.59 7.96
N TYR A 141 20.37 32.88 7.00
CA TYR A 141 20.03 32.73 5.58
C TYR A 141 20.96 31.71 4.94
N ILE A 142 20.37 30.59 4.53
CA ILE A 142 21.15 29.44 4.08
C ILE A 142 20.87 29.10 2.63
N SER A 143 21.95 28.78 1.92
CA SER A 143 21.88 28.22 0.57
C SER A 143 23.13 27.39 0.41
N TYR A 144 23.28 26.72 -0.73
CA TYR A 144 24.49 25.94 -0.99
C TYR A 144 25.38 26.38 -2.14
N ASP A 145 26.67 26.09 -1.99
CA ASP A 145 27.68 26.42 -2.98
C ASP A 145 28.17 25.16 -3.67
N ASP A 146 28.51 25.29 -4.96
CA ASP A 146 28.99 24.16 -5.74
C ASP A 146 30.35 23.66 -5.24
N ARG A 147 31.01 24.47 -4.43
CA ARG A 147 32.36 24.16 -3.95
C ARG A 147 32.44 23.93 -2.44
N GLU A 148 31.40 24.32 -1.70
CA GLU A 148 31.45 24.27 -0.24
C GLU A 148 30.22 23.69 0.42
N GLY A 149 29.37 23.03 -0.36
CA GLY A 149 28.14 22.44 0.16
C GLY A 149 27.22 23.57 0.60
N TRP A 150 26.77 23.55 1.85
CA TRP A 150 25.89 24.59 2.39
C TRP A 150 26.64 25.83 2.87
N VAL A 151 26.04 26.99 2.63
CA VAL A 151 26.57 28.28 3.08
C VAL A 151 25.50 28.99 3.88
N ALA A 152 25.91 29.62 4.98
CA ALA A 152 24.99 30.33 5.87
C ALA A 152 25.44 31.75 6.13
N SER A 153 24.47 32.63 6.38
CA SER A 153 24.74 34.03 6.67
C SER A 153 23.82 34.51 7.78
N HIS A 154 24.39 34.86 8.92
CA HIS A 154 23.62 35.34 10.06
C HIS A 154 23.28 36.82 9.91
N TYR A 155 22.04 37.16 10.24
CA TYR A 155 21.58 38.54 10.19
C TYR A 155 20.81 38.90 11.45
N LEU A 156 20.68 40.20 11.68
CA LEU A 156 19.83 40.74 12.73
C LEU A 156 18.54 41.21 12.07
N LEU A 157 17.40 40.97 12.69
CA LEU A 157 16.14 41.40 12.11
C LEU A 157 16.12 42.91 11.99
N SER A 158 16.81 43.57 12.91
CA SER A 158 17.08 44.99 12.81
C SER A 158 17.78 45.31 11.50
N GLU A 159 18.82 44.54 11.19
CA GLU A 159 19.68 44.80 10.04
C GLU A 159 19.43 43.85 8.89
N LYS A 160 18.16 43.53 8.63
CA LYS A 160 17.81 42.67 7.51
C LYS A 160 18.04 43.40 6.18
N PRO A 161 18.61 42.71 5.18
CA PRO A 161 18.74 43.30 3.84
C PRO A 161 17.41 43.55 3.16
N ARG A 162 17.39 44.44 2.17
CA ARG A 162 16.17 44.74 1.42
C ARG A 162 15.84 43.58 0.47
N GLU A 163 16.88 42.92 -0.01
CA GLU A 163 16.70 41.81 -0.96
C GLU A 163 16.03 40.60 -0.30
N LEU A 164 16.28 40.44 1.00
CA LEU A 164 15.69 39.32 1.75
C LEU A 164 14.41 39.75 2.46
N SER A 165 13.78 40.81 1.97
CA SER A 165 12.59 41.35 2.61
C SER A 165 11.36 40.48 2.31
N ARG A 166 11.29 39.94 1.11
CA ARG A 166 10.18 39.08 0.72
C ARG A 166 10.23 37.76 1.49
N HIS A 167 11.44 37.21 1.60
CA HIS A 167 11.66 35.95 2.31
C HIS A 167 11.04 35.96 3.70
N LEU A 168 11.26 37.03 4.45
CA LEU A 168 10.79 37.12 5.82
C LEU A 168 9.31 37.48 5.89
N GLU A 169 8.77 37.96 4.78
CA GLU A 169 7.33 38.11 4.66
C GLU A 169 6.71 36.73 4.60
N VAL A 170 7.33 35.85 3.81
CA VAL A 170 6.89 34.47 3.67
C VAL A 170 7.08 33.70 4.98
N VAL A 171 8.20 33.93 5.66
CA VAL A 171 8.45 33.31 6.95
C VAL A 171 7.38 33.75 7.95
N ASP A 172 7.13 35.05 7.98
CA ASP A 172 6.12 35.62 8.88
C ASP A 172 4.75 35.00 8.64
N PHE A 173 4.43 34.77 7.37
CA PHE A 173 3.14 34.17 7.03
C PHE A 173 3.13 32.71 7.47
N PHE A 174 4.22 31.98 7.21
CA PHE A 174 4.30 30.59 7.64
C PHE A 174 4.30 30.49 9.16
N ALA A 175 5.01 31.40 9.82
CA ALA A 175 5.09 31.39 11.28
C ALA A 175 3.72 31.55 11.91
N LYS A 176 2.93 32.49 11.39
CA LYS A 176 1.62 32.79 11.96
C LYS A 176 0.59 31.73 11.59
N TYR A 177 0.65 31.25 10.34
CA TYR A 177 -0.25 30.20 9.90
C TYR A 177 -0.06 28.95 10.73
N MET A 178 1.20 28.57 10.94
CA MET A 178 1.52 27.34 11.66
C MET A 178 1.10 27.42 13.12
N LYS A 179 1.23 28.60 13.72
CA LYS A 179 0.80 28.78 15.10
C LYS A 179 -0.71 28.57 15.22
N ALA A 180 -1.46 29.18 14.31
CA ALA A 180 -2.91 29.23 14.39
C ALA A 180 -3.58 27.86 14.37
N ASN A 181 -3.18 26.98 13.45
CA ASN A 181 -3.91 25.74 13.24
C ASN A 181 -3.06 24.48 12.96
N LEU A 182 -1.81 24.49 13.39
CA LEU A 182 -1.01 23.27 13.47
C LEU A 182 -0.69 23.00 14.94
N SER A 183 -0.61 21.73 15.31
CA SER A 183 -0.54 21.36 16.73
C SER A 183 0.62 20.44 17.07
N ARG A 184 1.56 20.97 17.84
CA ARG A 184 2.54 20.20 18.60
C ARG A 184 3.52 21.13 19.29
N VAL A 185 4.24 20.60 20.27
CA VAL A 185 5.21 21.39 21.02
C VAL A 185 6.17 20.45 21.76
N SER A 186 7.40 20.91 21.96
CA SER A 186 8.43 20.11 22.60
C SER A 186 9.03 20.84 23.79
N THR A 187 9.45 20.06 24.79
CA THR A 187 10.00 20.59 26.02
C THR A 187 11.25 19.79 26.41
N LYS A 195 23.13 22.21 21.23
CA LYS A 195 23.68 23.44 21.77
C LYS A 195 24.13 24.39 20.67
N ASP A 196 23.60 24.17 19.47
CA ASP A 196 23.87 25.05 18.33
C ASP A 196 22.59 25.24 17.50
N ASP A 197 22.70 26.00 16.42
CA ASP A 197 21.57 26.27 15.55
C ASP A 197 21.45 25.20 14.47
N VAL A 198 20.27 24.59 14.38
CA VAL A 198 20.02 23.45 13.50
C VAL A 198 18.97 23.79 12.45
N PHE A 199 19.23 23.41 11.20
CA PHE A 199 18.28 23.61 10.12
C PHE A 199 18.03 22.30 9.37
N LEU A 200 17.01 22.30 8.52
CA LEU A 200 16.60 21.11 7.79
C LEU A 200 17.25 21.06 6.40
N ARG A 201 18.16 20.11 6.21
CA ARG A 201 18.86 19.98 4.94
C ARG A 201 18.00 19.33 3.88
N ARG A 202 17.23 18.33 4.28
CA ARG A 202 16.43 17.58 3.33
C ARG A 202 15.18 16.96 3.97
N TYR A 203 14.06 17.14 3.28
CA TYR A 203 12.82 16.45 3.63
C TYR A 203 12.41 15.59 2.44
N THR A 204 11.80 14.45 2.72
CA THR A 204 11.28 13.59 1.67
C THR A 204 9.96 12.98 2.11
N ARG A 205 8.94 13.16 1.28
CA ARG A 205 7.61 12.62 1.56
C ARG A 205 7.36 11.35 0.78
N TYR A 206 7.29 10.23 1.51
CA TYR A 206 6.83 8.97 0.95
C TYR A 206 5.39 8.78 1.38
N LYS A 207 4.71 7.82 0.76
CA LYS A 207 3.34 7.50 1.12
C LYS A 207 3.26 7.05 2.59
N PRO A 208 4.13 6.12 3.01
CA PRO A 208 4.05 5.67 4.40
C PRO A 208 4.57 6.67 5.42
N PHE A 209 5.56 7.48 5.08
CA PHE A 209 6.09 8.48 6.01
C PHE A 209 6.83 9.63 5.34
N VAL A 210 7.01 10.71 6.10
CA VAL A 210 7.84 11.83 5.67
C VAL A 210 9.11 11.82 6.50
N MET A 211 10.25 11.96 5.83
CA MET A 211 11.56 11.81 6.47
C MET A 211 12.31 13.13 6.52
N PHE A 212 12.78 13.50 7.70
CA PHE A 212 13.52 14.76 7.90
C PHE A 212 15.00 14.52 8.18
N GLU A 213 15.85 15.12 7.35
CA GLU A 213 17.29 15.10 7.57
C GLU A 213 17.78 16.45 8.11
N LEU A 214 18.00 16.51 9.42
CA LEU A 214 18.48 17.73 10.07
C LEU A 214 20.00 17.88 9.98
N SER A 215 20.46 19.12 10.15
CA SER A 215 21.88 19.44 9.96
C SER A 215 22.78 18.96 11.10
N ASP A 216 22.19 18.43 12.16
CA ASP A 216 22.96 17.92 13.29
C ASP A 216 23.07 16.39 13.23
N GLY A 217 22.65 15.81 12.11
CA GLY A 217 22.77 14.39 11.89
C GLY A 217 21.60 13.59 12.45
N THR A 218 20.56 14.29 12.90
CA THR A 218 19.35 13.63 13.39
C THR A 218 18.44 13.29 12.23
N PHE A 219 17.85 12.10 12.29
CA PHE A 219 16.80 11.69 11.36
C PHE A 219 15.49 11.55 12.11
N GLN A 220 14.41 12.06 11.54
CA GLN A 220 13.09 11.98 12.13
C GLN A 220 12.09 11.44 11.11
N PHE A 221 11.22 10.54 11.57
CA PHE A 221 10.24 9.90 10.70
C PHE A 221 8.84 10.06 11.27
N ASN A 222 7.95 10.62 10.45
CA ASN A 222 6.55 10.76 10.79
C ASN A 222 5.70 9.80 9.97
N PHE A 223 5.09 8.83 10.64
CA PHE A 223 4.29 7.81 9.97
C PHE A 223 2.82 8.21 9.88
N LYS A 224 2.13 7.64 8.90
CA LYS A 224 0.69 7.85 8.76
C LYS A 224 -0.07 7.32 9.99
N ASP A 225 0.59 6.44 10.74
CA ASP A 225 0.07 5.96 12.02
C ASP A 225 -0.04 7.08 13.05
N HIS A 226 0.50 8.25 12.71
CA HIS A 226 0.63 9.37 13.63
C HIS A 226 1.65 9.08 14.75
N HIS A 227 2.37 7.97 14.60
CA HIS A 227 3.52 7.69 15.46
C HIS A 227 4.76 8.35 14.86
N LYS A 228 5.64 8.86 15.72
CA LYS A 228 6.90 9.44 15.25
C LYS A 228 8.09 8.82 15.96
N MET A 229 9.23 8.87 15.29
CA MET A 229 10.48 8.56 15.96
C MET A 229 11.66 9.23 15.29
N ALA A 230 12.64 9.59 16.13
CA ALA A 230 13.84 10.28 15.66
C ALA A 230 15.08 9.47 16.01
N ILE A 231 15.94 9.27 15.02
CA ILE A 231 17.22 8.60 15.22
C ILE A 231 18.32 9.64 15.37
N SER A 232 19.02 9.60 16.51
CA SER A 232 20.08 10.57 16.80
C SER A 232 21.38 9.89 17.18
N ASP A 233 22.44 10.70 17.23
CA ASP A 233 23.75 10.28 17.73
C ASP A 233 24.27 9.03 17.02
N GLY A 234 24.45 9.13 15.70
CA GLY A 234 25.08 8.07 14.92
C GLY A 234 24.25 6.81 14.77
N GLY A 235 23.01 6.84 15.25
CA GLY A 235 22.12 5.70 15.15
C GLY A 235 21.96 4.96 16.47
N LYS A 236 22.71 5.38 17.47
CA LYS A 236 22.71 4.71 18.77
C LYS A 236 21.42 4.99 19.55
N LEU A 237 20.98 6.24 19.52
CA LEU A 237 19.81 6.67 20.28
C LEU A 237 18.54 6.71 19.42
N VAL A 238 17.43 6.28 20.02
CA VAL A 238 16.13 6.34 19.36
C VAL A 238 15.14 7.10 20.24
N THR A 239 14.36 7.97 19.61
CA THR A 239 13.34 8.75 20.28
C THR A 239 11.99 8.34 19.72
N TYR A 240 10.99 8.21 20.57
CA TYR A 240 9.64 7.87 20.14
C TYR A 240 8.63 8.91 20.59
N ILE A 241 7.87 9.46 19.64
CA ILE A 241 6.78 10.38 19.94
C ILE A 241 5.44 9.71 19.64
N SER A 242 4.49 9.84 20.57
CA SER A 242 3.20 9.16 20.43
C SER A 242 2.21 10.01 19.64
N PRO A 243 1.14 9.38 19.13
CA PRO A 243 0.03 10.11 18.50
C PRO A 243 -0.52 11.23 19.38
N SER A 244 -0.53 10.99 20.69
CA SER A 244 -1.01 11.98 21.65
C SER A 244 0.12 12.89 22.14
N HIS A 245 1.30 12.72 21.55
CA HIS A 245 2.45 13.63 21.72
C HIS A 245 3.29 13.37 22.97
N GLU A 246 3.22 12.17 23.55
CA GLU A 246 4.19 11.78 24.57
C GLU A 246 5.49 11.38 23.89
N SER A 247 6.61 11.90 24.40
CA SER A 247 7.91 11.62 23.82
C SER A 247 8.89 11.06 24.85
N THR A 248 9.58 9.98 24.47
CA THR A 248 10.61 9.38 25.31
C THR A 248 11.82 8.98 24.46
N THR A 249 13.01 9.23 24.98
CA THR A 249 14.24 8.83 24.31
C THR A 249 14.84 7.63 25.02
N TYR A 250 15.25 6.64 24.24
CA TYR A 250 15.87 5.43 24.76
C TYR A 250 17.03 4.99 23.87
N PRO A 251 18.08 4.40 24.47
CA PRO A 251 19.06 3.66 23.68
C PRO A 251 18.40 2.65 22.74
N LEU A 252 18.98 2.45 21.56
CA LEU A 252 18.38 1.56 20.56
C LEU A 252 18.59 0.10 20.92
N VAL A 253 19.73 -0.21 21.53
CA VAL A 253 20.03 -1.57 21.94
C VAL A 253 18.98 -2.08 22.93
N GLU A 254 18.69 -1.25 23.93
CA GLU A 254 17.66 -1.58 24.92
C GLU A 254 16.32 -1.84 24.24
N VAL A 255 15.84 -0.84 23.50
CA VAL A 255 14.59 -0.96 22.75
C VAL A 255 14.57 -2.23 21.91
N LEU A 256 15.71 -2.61 21.37
CA LEU A 256 15.81 -3.84 20.60
C LEU A 256 15.90 -5.06 21.52
N LYS A 257 16.32 -4.83 22.77
CA LYS A 257 16.28 -5.87 23.78
C LYS A 257 14.83 -6.14 24.16
N TYR A 258 14.05 -5.07 24.26
CA TYR A 258 12.62 -5.17 24.50
C TYR A 258 11.93 -5.87 23.34
N GLY A 259 12.39 -5.58 22.12
CA GLY A 259 11.73 -6.05 20.91
C GLY A 259 10.59 -5.12 20.55
N GLU A 260 10.46 -4.05 21.33
CA GLU A 260 9.42 -3.06 21.12
C GLU A 260 9.64 -1.88 22.05
N ILE A 261 9.14 -0.72 21.67
CA ILE A 261 9.17 0.46 22.51
C ILE A 261 8.37 0.15 23.79
N PRO A 262 8.89 0.53 24.96
CA PRO A 262 8.36 -0.12 26.16
C PRO A 262 6.90 0.22 26.47
N GLY A 263 6.52 1.48 26.35
CA GLY A 263 5.18 1.90 26.67
C GLY A 263 4.10 1.42 25.71
N TYR A 264 4.36 1.56 24.41
CA TYR A 264 3.31 1.41 23.40
C TYR A 264 3.44 0.13 22.58
N PRO A 265 2.54 -0.85 22.81
CA PRO A 265 2.57 -2.06 21.99
C PRO A 265 1.89 -1.87 20.64
N GLU A 266 1.02 -0.86 20.55
CA GLU A 266 0.32 -0.55 19.30
C GLU A 266 1.30 -0.11 18.23
N SER A 267 2.35 0.58 18.66
CA SER A 267 3.42 0.96 17.75
C SER A 267 4.09 -0.28 17.18
N ASN A 268 3.99 -0.44 15.86
CA ASN A 268 4.57 -1.60 15.18
C ASN A 268 6.05 -1.35 14.88
N PHE A 269 6.87 -1.49 15.92
CA PHE A 269 8.27 -1.06 15.88
C PHE A 269 9.11 -1.80 14.85
N ARG A 270 8.98 -3.13 14.81
CA ARG A 270 9.80 -3.95 13.91
C ARG A 270 9.64 -3.50 12.47
N GLU A 271 8.39 -3.29 12.05
CA GLU A 271 8.10 -2.85 10.69
C GLU A 271 8.56 -1.41 10.48
N LYS A 272 8.39 -0.58 11.51
CA LYS A 272 8.73 0.82 11.41
C LYS A 272 10.25 1.03 11.37
N LEU A 273 10.99 0.19 12.08
CA LEU A 273 12.44 0.25 12.03
C LEU A 273 12.95 -0.27 10.68
N THR A 274 12.18 -1.16 10.06
CA THR A 274 12.53 -1.70 8.76
C THR A 274 12.37 -0.64 7.67
N LEU A 275 11.30 0.15 7.77
CA LEU A 275 11.05 1.23 6.82
C LEU A 275 12.13 2.30 6.92
N ILE A 276 12.50 2.64 8.15
CA ILE A 276 13.60 3.56 8.39
C ILE A 276 14.83 3.11 7.63
N LYS A 277 15.24 1.87 7.85
CA LYS A 277 16.41 1.30 7.18
C LYS A 277 16.30 1.38 5.67
N GLU A 278 15.12 1.10 5.14
CA GLU A 278 14.91 1.17 3.70
C GLU A 278 15.08 2.60 3.23
N GLY A 279 14.53 3.53 3.99
CA GLY A 279 14.64 4.94 3.67
C GLY A 279 16.08 5.44 3.74
N LEU A 280 16.80 5.02 4.77
CA LEU A 280 18.19 5.43 4.95
C LEU A 280 19.06 4.94 3.80
N LYS A 281 18.95 3.66 3.46
CA LYS A 281 19.78 3.05 2.42
C LYS A 281 19.56 3.72 1.06
N GLN A 282 18.31 4.06 0.77
CA GLN A 282 17.97 4.66 -0.52
C GLN A 282 18.67 6.00 -0.70
N LYS A 283 18.72 6.79 0.36
CA LYS A 283 19.34 8.12 0.31
C LYS A 283 20.86 8.06 0.25
N SER A 284 21.43 7.03 0.88
CA SER A 284 22.89 6.91 0.97
C SER A 284 23.57 6.72 -0.38
N THR A 285 22.77 6.52 -1.43
CA THR A 285 23.29 6.33 -2.78
C THR A 285 22.92 7.48 -3.72
N ILE A 286 22.16 8.46 -3.21
CA ILE A 286 21.82 9.64 -3.99
C ILE A 286 22.95 10.65 -3.86
N VAL A 287 23.80 10.71 -4.89
CA VAL A 287 25.01 11.52 -4.85
C VAL A 287 25.19 12.35 -6.12
N THR A 288 24.21 12.33 -7.01
CA THR A 288 24.30 13.12 -8.23
C THR A 288 22.94 13.62 -8.71
N VAL A 289 22.89 14.91 -9.04
CA VAL A 289 21.72 15.53 -9.64
C VAL A 289 22.07 16.96 -10.04
N GLU B 19 -2.38 -51.08 -35.37
CA GLU B 19 -1.84 -49.99 -34.57
C GLU B 19 -1.60 -48.74 -35.41
N ALA B 20 -2.15 -48.72 -36.62
CA ALA B 20 -2.09 -47.54 -37.48
C ALA B 20 -3.31 -46.66 -37.24
N GLN B 21 -4.40 -47.29 -36.83
CA GLN B 21 -5.65 -46.58 -36.52
C GLN B 21 -5.86 -46.47 -35.02
N ARG B 22 -4.79 -46.70 -34.26
CA ARG B 22 -4.86 -46.67 -32.80
C ARG B 22 -5.29 -45.30 -32.28
N ARG B 23 -4.76 -44.24 -32.89
CA ARG B 23 -5.08 -42.87 -32.49
C ARG B 23 -6.57 -42.58 -32.70
N LEU B 24 -7.07 -42.93 -33.88
CA LEU B 24 -8.47 -42.71 -34.20
C LEU B 24 -9.38 -43.52 -33.29
N ASN B 25 -9.20 -44.85 -33.30
CA ASN B 25 -10.05 -45.75 -32.54
C ASN B 25 -10.03 -45.47 -31.04
N ASP B 26 -8.90 -44.93 -30.56
CA ASP B 26 -8.77 -44.60 -29.15
C ASP B 26 -9.56 -43.34 -28.82
N LEU B 27 -9.47 -42.33 -29.67
CA LEU B 27 -10.17 -41.08 -29.46
C LEU B 27 -11.67 -41.23 -29.73
N ALA B 28 -12.02 -42.16 -30.62
CA ALA B 28 -13.42 -42.46 -30.90
C ALA B 28 -14.05 -43.14 -29.69
N ARG B 29 -13.24 -43.88 -28.94
CA ARG B 29 -13.70 -44.56 -27.74
C ARG B 29 -13.84 -43.58 -26.57
N GLU B 30 -12.87 -42.67 -26.45
CA GLU B 30 -12.86 -41.69 -25.38
C GLU B 30 -14.02 -40.70 -25.53
N ALA B 31 -14.34 -40.35 -26.78
CA ALA B 31 -15.44 -39.44 -27.05
C ALA B 31 -16.76 -40.07 -26.65
N ARG B 32 -16.91 -41.35 -26.99
CA ARG B 32 -18.13 -42.09 -26.67
C ARG B 32 -18.42 -42.10 -25.17
N ILE B 33 -17.41 -42.48 -24.38
CA ILE B 33 -17.56 -42.53 -22.93
C ILE B 33 -17.84 -41.12 -22.39
N ARG B 34 -17.25 -40.13 -23.02
CA ARG B 34 -17.46 -38.74 -22.63
C ARG B 34 -18.92 -38.33 -22.83
N ARG B 35 -19.41 -38.51 -24.04
CA ARG B 35 -20.79 -38.16 -24.37
C ARG B 35 -21.79 -38.96 -23.53
N ALA B 36 -21.39 -40.15 -23.09
CA ALA B 36 -22.26 -41.03 -22.32
C ALA B 36 -22.40 -40.56 -20.87
N GLN B 37 -21.36 -39.90 -20.38
CA GLN B 37 -21.36 -39.42 -19.00
C GLN B 37 -22.16 -38.14 -18.88
N GLN B 38 -23.48 -38.27 -18.82
CA GLN B 38 -24.38 -37.11 -18.83
C GLN B 38 -25.45 -37.18 -17.72
N ALA B 39 -25.34 -36.26 -16.76
CA ALA B 39 -26.44 -35.91 -15.88
C ALA B 39 -26.74 -34.52 -16.41
N VAL B 40 -27.63 -34.49 -17.40
CA VAL B 40 -27.77 -33.37 -18.33
C VAL B 40 -28.42 -32.17 -17.64
N LEU B 41 -29.26 -32.42 -16.63
CA LEU B 41 -29.98 -31.34 -15.98
C LEU B 41 -29.34 -30.93 -14.66
N ARG B 42 -28.01 -30.95 -14.63
CA ARG B 42 -27.24 -30.40 -13.53
C ARG B 42 -26.83 -28.97 -13.85
N LYS B 43 -27.16 -28.04 -12.96
CA LYS B 43 -26.79 -26.64 -13.15
C LYS B 43 -25.28 -26.47 -13.02
N GLU B 44 -24.70 -25.67 -13.91
CA GLU B 44 -23.25 -25.46 -13.92
C GLU B 44 -22.93 -23.97 -14.07
N LEU B 45 -21.70 -23.61 -13.73
CA LEU B 45 -21.25 -22.22 -13.83
C LEU B 45 -20.75 -21.89 -15.23
N ILE B 46 -21.60 -21.22 -16.01
CA ILE B 46 -21.25 -20.79 -17.35
C ILE B 46 -20.90 -19.31 -17.35
N ALA B 47 -19.67 -19.00 -17.76
CA ALA B 47 -19.14 -17.64 -17.68
C ALA B 47 -19.64 -16.77 -18.82
N THR B 48 -20.52 -15.84 -18.50
CA THR B 48 -21.02 -14.89 -19.49
C THR B 48 -19.92 -13.93 -19.90
N SER B 49 -19.01 -13.65 -18.98
CA SER B 49 -17.88 -12.79 -19.27
C SER B 49 -16.65 -13.15 -18.43
N THR B 50 -15.47 -12.90 -19.01
CA THR B 50 -14.20 -13.22 -18.38
C THR B 50 -13.11 -12.35 -19.01
N ASN B 51 -12.03 -12.11 -18.27
CA ASN B 51 -10.83 -11.50 -18.85
C ASN B 51 -9.87 -12.59 -19.32
N VAL B 52 -9.40 -12.46 -20.55
CA VAL B 52 -8.56 -13.50 -21.15
C VAL B 52 -7.13 -13.43 -20.63
N ILE B 53 -6.66 -14.56 -20.11
CA ILE B 53 -5.29 -14.68 -19.62
C ILE B 53 -4.38 -15.22 -20.72
N LYS B 54 -3.16 -14.70 -20.79
CA LYS B 54 -2.18 -15.15 -21.77
C LYS B 54 -1.41 -16.37 -21.27
N SER B 55 -0.71 -16.19 -20.17
CA SER B 55 0.19 -17.23 -19.65
C SER B 55 -0.54 -18.49 -19.18
N GLU B 56 0.12 -19.62 -19.37
CA GLU B 56 -0.34 -20.89 -18.79
C GLU B 56 0.11 -20.95 -17.34
N ILE B 57 1.10 -20.14 -17.00
CA ILE B 57 1.63 -20.09 -15.64
C ILE B 57 0.69 -19.29 -14.77
N SER B 58 0.14 -18.21 -15.34
CA SER B 58 -0.82 -17.36 -14.64
C SER B 58 -2.05 -18.15 -14.18
N LEU B 59 -2.52 -19.07 -15.01
CA LEU B 59 -3.66 -19.91 -14.64
C LEU B 59 -3.30 -20.84 -13.50
N ARG B 60 -2.09 -21.39 -13.58
CA ARG B 60 -1.59 -22.27 -12.54
C ARG B 60 -1.53 -21.54 -11.21
N ILE B 61 -1.09 -20.28 -11.25
CA ILE B 61 -1.09 -19.41 -10.07
C ILE B 61 -2.50 -19.25 -9.52
N LEU B 62 -3.42 -18.88 -10.40
CA LEU B 62 -4.82 -18.69 -10.04
C LEU B 62 -5.45 -19.96 -9.49
N ALA B 63 -5.19 -21.08 -10.16
CA ALA B 63 -5.75 -22.36 -9.75
C ALA B 63 -5.18 -22.81 -8.41
N SER B 64 -3.94 -22.46 -8.14
CA SER B 64 -3.31 -22.78 -6.86
C SER B 64 -4.02 -22.04 -5.72
N GLU B 65 -4.34 -20.77 -5.96
CA GLU B 65 -5.04 -19.95 -4.98
C GLU B 65 -6.45 -20.48 -4.73
N CYS B 66 -7.10 -20.93 -5.80
CA CYS B 66 -8.40 -21.57 -5.69
C CYS B 66 -8.35 -22.81 -4.81
N HIS B 67 -7.39 -23.69 -5.08
CA HIS B 67 -7.23 -24.92 -4.32
C HIS B 67 -6.96 -24.62 -2.86
N LEU B 68 -6.05 -23.68 -2.62
CA LEU B 68 -5.69 -23.26 -1.26
C LEU B 68 -6.90 -22.79 -0.48
N THR B 69 -7.65 -21.85 -1.05
CA THR B 69 -8.83 -21.29 -0.39
C THR B 69 -9.93 -22.33 -0.25
N LEU B 70 -10.07 -23.19 -1.24
CA LEU B 70 -11.07 -24.24 -1.21
C LEU B 70 -10.76 -25.24 -0.10
N ASN B 71 -9.48 -25.58 0.04
CA ASN B 71 -9.03 -26.44 1.13
C ASN B 71 -9.25 -25.79 2.49
N GLY B 72 -9.10 -24.47 2.53
CA GLY B 72 -9.35 -23.72 3.75
C GLY B 72 -10.80 -23.81 4.16
N ILE B 73 -11.70 -23.49 3.22
CA ILE B 73 -13.13 -23.63 3.44
C ILE B 73 -13.49 -25.05 3.84
N VAL B 74 -12.92 -26.02 3.13
CA VAL B 74 -13.22 -27.42 3.35
C VAL B 74 -12.78 -27.86 4.75
N GLU B 75 -11.61 -27.42 5.18
CA GLU B 75 -11.13 -27.73 6.53
C GLU B 75 -11.90 -26.92 7.56
N ALA B 76 -12.34 -25.72 7.19
CA ALA B 76 -13.15 -24.90 8.08
C ALA B 76 -14.47 -25.57 8.35
N GLU B 77 -15.05 -26.18 7.31
CA GLU B 77 -16.28 -26.95 7.46
C GLU B 77 -16.10 -28.11 8.43
N ALA B 78 -14.98 -28.81 8.30
CA ALA B 78 -14.69 -29.98 9.12
C ALA B 78 -14.66 -29.63 10.60
N GLN B 79 -14.35 -28.37 10.91
CA GLN B 79 -14.23 -27.95 12.30
C GLN B 79 -15.59 -27.76 12.97
N TYR B 80 -16.55 -27.20 12.24
CA TYR B 80 -17.92 -27.14 12.75
C TYR B 80 -18.51 -28.54 12.85
N LYS B 81 -18.09 -29.40 11.94
CA LYS B 81 -18.57 -30.78 11.88
C LYS B 81 -18.43 -31.46 13.23
N MET B 82 -17.19 -31.60 13.69
CA MET B 82 -16.91 -32.27 14.96
C MET B 82 -15.86 -31.53 15.78
N GLY B 83 -14.63 -31.49 15.28
CA GLY B 83 -13.53 -30.89 16.00
C GLY B 83 -12.23 -31.63 15.76
N LYS B 87 -11.84 -24.19 19.29
CA LYS B 87 -11.08 -24.03 20.53
C LYS B 87 -11.18 -22.60 21.05
N SER B 88 -10.47 -21.69 20.39
CA SER B 88 -10.45 -20.29 20.79
C SER B 88 -10.82 -19.36 19.63
N ARG B 89 -11.38 -19.92 18.56
CA ARG B 89 -11.69 -19.16 17.36
C ARG B 89 -10.43 -18.43 16.89
N LEU B 90 -9.45 -19.21 16.48
CA LEU B 90 -8.07 -18.74 16.38
C LEU B 90 -7.76 -17.77 15.22
N PRO B 91 -8.48 -17.85 14.10
CA PRO B 91 -8.18 -16.85 13.07
C PRO B 91 -8.33 -15.40 13.56
N LYS B 92 -7.22 -14.68 13.62
CA LYS B 92 -7.23 -13.27 13.97
C LYS B 92 -7.80 -12.46 12.81
N ILE B 93 -8.98 -11.87 13.03
CA ILE B 93 -9.70 -11.21 11.94
C ILE B 93 -8.98 -9.96 11.46
N LYS B 94 -8.81 -9.88 10.15
CA LYS B 94 -8.31 -8.68 9.48
C LYS B 94 -9.24 -8.37 8.31
N HIS B 95 -9.61 -7.10 8.17
CA HIS B 95 -10.52 -6.69 7.12
C HIS B 95 -9.82 -6.76 5.76
N PRO B 96 -10.32 -7.62 4.85
CA PRO B 96 -9.66 -7.77 3.54
C PRO B 96 -9.89 -6.64 2.54
N MET B 97 -9.11 -6.69 1.47
CA MET B 97 -9.33 -5.86 0.29
C MET B 97 -10.61 -6.30 -0.41
N ILE B 98 -11.45 -5.35 -0.80
CA ILE B 98 -12.72 -5.66 -1.46
C ILE B 98 -12.94 -4.75 -2.65
N VAL B 99 -13.51 -5.32 -3.72
CA VAL B 99 -13.96 -4.53 -4.86
C VAL B 99 -15.22 -3.78 -4.45
N THR B 100 -15.19 -2.45 -4.57
CA THR B 100 -16.25 -1.60 -4.06
C THR B 100 -17.08 -1.00 -5.20
N LYS B 101 -16.52 -0.99 -6.40
CA LYS B 101 -17.24 -0.59 -7.59
C LYS B 101 -16.65 -1.32 -8.79
N TRP B 102 -17.45 -1.55 -9.81
CA TRP B 102 -16.94 -2.17 -11.03
C TRP B 102 -17.87 -1.94 -12.21
N VAL B 103 -17.29 -1.98 -13.42
CA VAL B 103 -18.03 -1.80 -14.65
C VAL B 103 -17.43 -2.67 -15.75
N ASP B 104 -18.12 -3.75 -16.10
CA ASP B 104 -17.69 -4.61 -17.20
C ASP B 104 -18.06 -3.97 -18.53
N TYR B 105 -17.05 -3.45 -19.22
CA TYR B 105 -17.24 -2.87 -20.55
C TYR B 105 -16.21 -3.44 -21.52
N SER B 106 -15.91 -4.71 -21.34
CA SER B 106 -14.87 -5.40 -22.11
C SER B 106 -15.16 -5.38 -23.61
N ASN B 107 -16.41 -5.62 -23.97
CA ASN B 107 -16.82 -5.65 -25.37
C ASN B 107 -16.60 -4.30 -26.03
N LYS B 108 -16.61 -3.23 -25.21
CA LYS B 108 -16.44 -1.87 -25.71
C LYS B 108 -15.03 -1.36 -25.41
N HIS B 109 -14.67 -1.30 -24.14
CA HIS B 109 -13.37 -0.75 -23.75
C HIS B 109 -12.97 -1.11 -22.32
N GLY B 110 -12.64 -2.37 -22.10
CA GLY B 110 -12.01 -2.80 -20.87
C GLY B 110 -12.90 -2.87 -19.63
N PHE B 111 -12.41 -3.58 -18.63
CA PHE B 111 -13.08 -3.73 -17.34
C PHE B 111 -12.45 -2.72 -16.40
N SER B 112 -13.25 -2.10 -15.53
CA SER B 112 -12.75 -1.15 -14.55
C SER B 112 -13.34 -1.51 -13.20
N TYR B 113 -12.59 -1.22 -12.14
CA TYR B 113 -13.02 -1.51 -10.78
C TYR B 113 -12.43 -0.50 -9.80
N GLN B 114 -12.97 -0.49 -8.59
CA GLN B 114 -12.46 0.36 -7.52
C GLN B 114 -12.40 -0.43 -6.22
N LEU B 115 -11.18 -0.59 -5.69
CA LEU B 115 -10.97 -1.37 -4.48
C LEU B 115 -11.18 -0.52 -3.23
N SER B 116 -11.26 -1.17 -2.07
CA SER B 116 -11.55 -0.50 -0.80
C SER B 116 -10.51 0.54 -0.40
N THR B 117 -9.38 0.54 -1.09
CA THR B 117 -8.33 1.53 -0.82
C THR B 117 -8.48 2.70 -1.77
N GLU B 118 -9.64 2.78 -2.44
CA GLU B 118 -9.92 3.82 -3.41
C GLU B 118 -8.89 3.84 -4.54
N ASP B 119 -8.24 2.70 -4.73
CA ASP B 119 -7.40 2.49 -5.91
C ASP B 119 -8.29 2.16 -7.10
N ILE B 120 -8.05 2.83 -8.21
CA ILE B 120 -8.79 2.56 -9.44
C ILE B 120 -7.90 1.81 -10.41
N GLY B 121 -8.43 0.71 -10.95
CA GLY B 121 -7.71 -0.07 -11.92
C GLY B 121 -8.60 -0.48 -13.07
N VAL B 122 -8.04 -0.48 -14.28
CA VAL B 122 -8.77 -0.91 -15.46
C VAL B 122 -8.08 -2.11 -16.10
N LEU B 123 -8.85 -3.17 -16.28
CA LEU B 123 -8.36 -4.39 -16.92
C LEU B 123 -8.74 -4.36 -18.39
N PHE B 124 -7.77 -4.05 -19.24
CA PHE B 124 -8.01 -3.80 -20.66
C PHE B 124 -8.16 -5.10 -21.47
N ASN B 125 -8.58 -4.95 -22.72
CA ASN B 125 -8.91 -6.08 -23.58
C ASN B 125 -7.71 -6.99 -23.83
N ASN B 126 -6.54 -6.39 -24.02
CA ASN B 126 -5.33 -7.16 -24.30
C ASN B 126 -4.91 -7.99 -23.09
N GLY B 127 -5.40 -7.61 -21.92
CA GLY B 127 -5.13 -8.34 -20.69
C GLY B 127 -4.31 -7.51 -19.71
N THR B 128 -3.58 -6.53 -20.23
CA THR B 128 -2.76 -5.67 -19.39
C THR B 128 -3.64 -4.77 -18.53
N THR B 129 -3.17 -4.47 -17.32
CA THR B 129 -3.94 -3.70 -16.36
C THR B 129 -3.18 -2.43 -15.96
N VAL B 130 -3.93 -1.35 -15.75
CA VAL B 130 -3.38 -0.11 -15.21
C VAL B 130 -4.07 0.18 -13.89
N LEU B 131 -3.28 0.46 -12.85
CA LEU B 131 -3.80 0.60 -11.50
C LEU B 131 -3.39 1.93 -10.89
N ARG B 132 -4.33 2.87 -10.84
CA ARG B 132 -4.09 4.20 -10.28
C ARG B 132 -4.34 4.19 -8.78
N LEU B 133 -3.41 4.76 -8.00
CA LEU B 133 -3.51 4.71 -6.56
C LEU B 133 -4.45 5.80 -6.02
N ALA B 134 -4.72 5.74 -4.72
CA ALA B 134 -5.71 6.59 -4.07
C ALA B 134 -5.38 8.08 -4.12
N ASP B 135 -4.11 8.42 -3.95
CA ASP B 135 -3.70 9.82 -3.92
C ASP B 135 -3.47 10.36 -5.33
N ALA B 136 -3.60 9.48 -6.33
CA ALA B 136 -3.57 9.88 -7.74
C ALA B 136 -2.25 10.54 -8.14
N GLU B 137 -1.15 10.00 -7.61
CA GLU B 137 0.19 10.52 -7.89
C GLU B 137 1.05 9.53 -8.69
N GLU B 138 0.67 8.27 -8.64
CA GLU B 138 1.44 7.22 -9.30
C GLU B 138 0.51 6.08 -9.69
N PHE B 139 0.93 5.32 -10.70
CA PHE B 139 0.11 4.25 -11.23
C PHE B 139 0.95 3.02 -11.56
N TRP B 140 0.35 1.83 -11.48
CA TRP B 140 1.03 0.53 -11.84
C TRP B 140 0.64 0.07 -13.22
N TYR B 141 1.64 -0.29 -14.02
CA TYR B 141 1.38 -0.90 -15.32
C TYR B 141 1.77 -2.37 -15.28
N ILE B 142 0.81 -3.25 -15.51
CA ILE B 142 0.97 -4.68 -15.31
C ILE B 142 0.76 -5.44 -16.63
N SER B 143 1.48 -6.54 -16.80
CA SER B 143 1.33 -7.36 -18.00
C SER B 143 1.86 -8.77 -17.79
N TYR B 144 1.60 -9.65 -18.75
CA TYR B 144 1.97 -11.06 -18.62
C TYR B 144 3.37 -11.33 -19.18
N ASP B 145 4.00 -12.39 -18.67
CA ASP B 145 5.38 -12.71 -19.04
C ASP B 145 5.58 -14.20 -19.35
N ASP B 146 6.84 -14.57 -19.51
CA ASP B 146 7.20 -15.93 -19.90
C ASP B 146 6.85 -16.94 -18.81
N ARG B 147 7.55 -16.86 -17.67
CA ARG B 147 7.37 -17.80 -16.58
C ARG B 147 7.21 -17.08 -15.24
N GLU B 148 6.73 -15.84 -15.29
CA GLU B 148 6.56 -15.03 -14.10
C GLU B 148 5.09 -14.65 -13.89
N GLY B 149 4.20 -15.23 -14.70
CA GLY B 149 2.79 -14.92 -14.62
C GLY B 149 2.56 -13.46 -14.98
N TRP B 150 2.44 -12.62 -13.95
CA TRP B 150 2.29 -11.18 -14.13
C TRP B 150 3.63 -10.46 -13.95
N VAL B 151 3.78 -9.36 -14.67
CA VAL B 151 4.96 -8.50 -14.58
C VAL B 151 4.47 -7.06 -14.46
N ALA B 152 5.11 -6.30 -13.57
CA ALA B 152 4.64 -4.96 -13.25
C ALA B 152 5.71 -3.89 -13.41
N SER B 153 5.27 -2.64 -13.52
CA SER B 153 6.14 -1.49 -13.64
C SER B 153 5.48 -0.29 -12.98
N HIS B 154 6.26 0.46 -12.21
CA HIS B 154 5.71 1.58 -11.43
C HIS B 154 6.21 2.93 -11.93
N TYR B 155 5.26 3.83 -12.18
CA TYR B 155 5.58 5.19 -12.58
C TYR B 155 4.87 6.22 -11.70
N LEU B 156 5.48 7.39 -11.58
CA LEU B 156 4.78 8.56 -11.09
C LEU B 156 3.78 8.99 -12.16
N LEU B 157 2.70 9.64 -11.75
CA LEU B 157 1.69 10.10 -12.69
C LEU B 157 2.26 11.18 -13.61
N SER B 158 3.00 12.11 -13.02
CA SER B 158 3.58 13.21 -13.78
C SER B 158 4.70 12.73 -14.70
N GLU B 159 5.58 11.90 -14.16
CA GLU B 159 6.71 11.38 -14.92
C GLU B 159 6.34 10.13 -15.69
N LYS B 160 5.07 9.99 -16.03
CA LYS B 160 4.60 8.83 -16.78
C LYS B 160 5.11 8.86 -18.21
N PRO B 161 5.19 7.69 -18.86
CA PRO B 161 5.59 7.63 -20.28
C PRO B 161 4.46 8.10 -21.20
N ARG B 162 4.81 8.60 -22.37
CA ARG B 162 3.82 9.15 -23.28
C ARG B 162 2.99 8.06 -23.96
N GLU B 163 3.50 6.83 -23.94
CA GLU B 163 2.85 5.71 -24.62
C GLU B 163 1.63 5.19 -23.85
N LEU B 164 1.49 5.62 -22.59
CA LEU B 164 0.37 5.19 -21.75
C LEU B 164 -0.59 6.34 -21.44
CA SER B 165 -1.16 8.68 -21.77
C SER B 165 -2.54 8.39 -22.35
N ARG B 166 -2.56 7.63 -23.44
CA ARG B 166 -3.78 7.13 -24.05
C ARG B 166 -4.60 6.29 -23.05
N HIS B 167 -3.95 5.30 -22.44
CA HIS B 167 -4.61 4.42 -21.48
C HIS B 167 -5.14 5.18 -20.27
N LEU B 168 -4.37 6.16 -19.82
CA LEU B 168 -4.68 6.89 -18.59
C LEU B 168 -5.89 7.81 -18.75
N GLU B 169 -6.25 8.12 -19.98
CA GLU B 169 -7.49 8.84 -20.25
C GLU B 169 -8.66 7.95 -19.87
N VAL B 170 -8.61 6.70 -20.33
CA VAL B 170 -9.65 5.72 -20.07
C VAL B 170 -9.85 5.55 -18.57
N VAL B 171 -8.74 5.52 -17.84
CA VAL B 171 -8.78 5.37 -16.40
C VAL B 171 -9.43 6.59 -15.74
N ASP B 172 -9.25 7.75 -16.37
CA ASP B 172 -9.83 8.99 -15.87
C ASP B 172 -11.34 9.01 -16.10
N PHE B 173 -11.75 8.64 -17.31
CA PHE B 173 -13.16 8.58 -17.66
C PHE B 173 -13.91 7.66 -16.72
N PHE B 174 -13.30 6.50 -16.43
CA PHE B 174 -13.90 5.53 -15.52
C PHE B 174 -13.88 6.05 -14.08
N ALA B 175 -12.82 6.76 -13.73
CA ALA B 175 -12.69 7.35 -12.40
C ALA B 175 -13.73 8.45 -12.22
N LYS B 176 -13.98 9.20 -13.29
CA LYS B 176 -15.02 10.21 -13.28
C LYS B 176 -16.40 9.55 -13.34
N TYR B 177 -16.49 8.47 -14.10
CA TYR B 177 -17.76 7.75 -14.25
C TYR B 177 -18.18 7.09 -12.94
N MET B 178 -17.28 6.32 -12.34
CA MET B 178 -17.63 5.51 -11.18
C MET B 178 -17.98 6.35 -9.97
N LYS B 179 -17.33 7.51 -9.82
CA LYS B 179 -17.62 8.42 -8.72
C LYS B 179 -19.02 9.03 -8.91
N ALA B 180 -19.39 9.25 -10.16
CA ALA B 180 -20.64 9.92 -10.48
C ALA B 180 -21.88 9.10 -10.11
N ASN B 181 -21.96 7.85 -10.58
CA ASN B 181 -23.24 7.14 -10.58
C ASN B 181 -23.29 5.73 -9.97
N LEU B 182 -22.16 5.20 -9.51
CA LEU B 182 -22.16 3.86 -8.89
C LEU B 182 -22.21 3.89 -7.37
N SER B 183 -22.88 2.88 -6.81
CA SER B 183 -22.99 2.73 -5.37
C SER B 183 -21.65 2.43 -4.71
N ARG B 184 -21.41 3.06 -3.57
CA ARG B 184 -20.21 2.83 -2.81
C ARG B 184 -20.47 1.80 -1.70
N VAL B 185 -19.59 0.82 -1.59
CA VAL B 185 -19.66 -0.16 -0.53
C VAL B 185 -18.86 0.41 0.64
N SER B 186 -19.40 0.26 1.85
CA SER B 186 -19.00 1.09 2.99
C SER B 186 -17.54 0.95 3.42
N THR B 187 -17.07 -0.26 3.62
CA THR B 187 -15.70 -0.49 4.11
C THR B 187 -14.68 0.09 3.13
N PHE B 188 -13.69 0.79 3.68
CA PHE B 188 -12.65 1.43 2.89
C PHE B 188 -11.32 1.41 3.63
N GLU B 192 -6.70 1.73 7.18
CA GLU B 192 -5.78 1.10 6.24
C GLU B 192 -4.37 1.04 6.81
N TYR B 193 -3.96 -0.15 7.24
CA TYR B 193 -2.61 -0.35 7.77
C TYR B 193 -1.60 -0.34 6.63
N HIS B 194 -0.33 -0.57 6.95
CA HIS B 194 0.71 -0.61 5.93
C HIS B 194 0.61 -1.91 5.14
N LYS B 195 0.51 -1.76 3.82
CA LYS B 195 0.31 -2.91 2.94
C LYS B 195 1.02 -2.69 1.61
N ASP B 196 1.01 -3.73 0.77
CA ASP B 196 1.53 -3.66 -0.59
C ASP B 196 0.39 -3.84 -1.58
N ASP B 197 0.52 -3.10 -2.62
CA ASP B 197 -0.54 -3.04 -3.70
C ASP B 197 -1.28 -4.36 -4.09
N VAL B 198 -2.52 -4.16 -4.51
CA VAL B 198 -3.40 -5.25 -4.91
C VAL B 198 -4.09 -4.91 -6.23
N PHE B 199 -4.19 -5.88 -7.12
CA PHE B 199 -4.90 -5.71 -8.38
C PHE B 199 -5.73 -6.95 -8.68
N LEU B 200 -6.73 -6.78 -9.53
CA LEU B 200 -7.61 -7.87 -9.91
C LEU B 200 -6.94 -8.75 -10.94
N ARG B 201 -6.69 -10.01 -10.58
CA ARG B 201 -6.08 -10.96 -11.49
C ARG B 201 -7.10 -11.48 -12.48
N ARG B 202 -8.28 -11.84 -11.98
CA ARG B 202 -9.34 -12.37 -12.82
C ARG B 202 -10.71 -12.12 -12.24
N TYR B 203 -11.60 -11.63 -13.10
CA TYR B 203 -13.02 -11.60 -12.78
C TYR B 203 -13.69 -12.66 -13.61
N THR B 204 -14.72 -13.27 -13.04
CA THR B 204 -15.58 -14.15 -13.82
C THR B 204 -17.03 -13.83 -13.53
N ARG B 205 -17.75 -13.49 -14.59
CA ARG B 205 -19.16 -13.14 -14.49
C ARG B 205 -20.05 -14.35 -14.79
N TYR B 206 -20.80 -14.76 -13.78
CA TYR B 206 -21.77 -15.84 -13.94
C TYR B 206 -23.18 -15.28 -13.75
N LYS B 207 -24.18 -16.12 -14.03
CA LYS B 207 -25.56 -15.74 -13.82
C LYS B 207 -25.85 -15.46 -12.34
N PRO B 208 -25.57 -16.45 -11.46
CA PRO B 208 -25.88 -16.26 -10.04
C PRO B 208 -25.03 -15.19 -9.37
N PHE B 209 -23.77 -15.06 -9.77
CA PHE B 209 -22.85 -14.10 -9.14
C PHE B 209 -21.71 -13.72 -10.07
N VAL B 210 -20.95 -12.71 -9.68
CA VAL B 210 -19.67 -12.39 -10.32
C VAL B 210 -18.55 -12.65 -9.31
N MET B 211 -17.46 -13.21 -9.81
CA MET B 211 -16.38 -13.72 -8.97
C MET B 211 -15.07 -12.98 -9.22
N PHE B 212 -14.58 -12.27 -8.21
CA PHE B 212 -13.33 -11.53 -8.31
C PHE B 212 -12.18 -12.28 -7.63
N GLU B 213 -11.03 -12.31 -8.29
CA GLU B 213 -9.84 -12.95 -7.77
C GLU B 213 -8.70 -11.92 -7.66
N LEU B 214 -8.40 -11.52 -6.42
CA LEU B 214 -7.42 -10.47 -6.18
C LEU B 214 -6.02 -11.05 -5.98
N SER B 215 -5.01 -10.20 -6.13
CA SER B 215 -3.61 -10.64 -6.19
C SER B 215 -3.08 -11.19 -4.87
N ASP B 216 -3.72 -10.84 -3.76
CA ASP B 216 -3.29 -11.35 -2.45
C ASP B 216 -4.07 -12.61 -2.05
N GLY B 217 -4.80 -13.19 -2.99
CA GLY B 217 -5.50 -14.44 -2.76
C GLY B 217 -6.85 -14.27 -2.07
N THR B 218 -7.41 -13.06 -2.18
CA THR B 218 -8.76 -12.80 -1.70
C THR B 218 -9.76 -13.06 -2.82
N PHE B 219 -10.83 -13.76 -2.48
CA PHE B 219 -11.92 -14.00 -3.43
C PHE B 219 -13.17 -13.23 -3.03
N GLN B 220 -13.69 -12.42 -3.95
CA GLN B 220 -14.96 -11.73 -3.73
C GLN B 220 -16.04 -12.34 -4.59
N PHE B 221 -17.23 -12.49 -4.01
CA PHE B 221 -18.38 -13.03 -4.74
C PHE B 221 -19.59 -12.10 -4.59
N ASN B 222 -19.89 -11.32 -5.64
CA ASN B 222 -21.06 -10.46 -5.67
C ASN B 222 -22.24 -11.17 -6.32
N PHE B 223 -23.32 -11.35 -5.54
CA PHE B 223 -24.47 -12.12 -5.99
C PHE B 223 -25.56 -11.25 -6.59
N LYS B 224 -26.56 -11.90 -7.17
CA LYS B 224 -27.72 -11.21 -7.74
C LYS B 224 -28.50 -10.43 -6.69
N ASP B 225 -28.80 -11.09 -5.58
CA ASP B 225 -29.60 -10.49 -4.50
C ASP B 225 -28.88 -9.31 -3.77
N HIS B 226 -27.75 -8.86 -4.33
CA HIS B 226 -27.01 -7.73 -3.79
C HIS B 226 -26.18 -8.00 -2.52
N HIS B 227 -26.30 -9.20 -1.97
CA HIS B 227 -25.41 -9.60 -0.88
C HIS B 227 -24.04 -9.88 -1.47
N LYS B 228 -23.00 -9.66 -0.68
CA LYS B 228 -21.63 -9.82 -1.16
C LYS B 228 -20.74 -10.44 -0.09
N MET B 229 -19.78 -11.25 -0.54
CA MET B 229 -18.89 -11.95 0.37
C MET B 229 -17.45 -11.95 -0.13
N ALA B 230 -16.53 -11.73 0.80
CA ALA B 230 -15.11 -11.83 0.53
C ALA B 230 -14.53 -12.97 1.35
N ILE B 231 -13.78 -13.86 0.70
CA ILE B 231 -13.10 -14.94 1.39
C ILE B 231 -11.60 -14.64 1.39
N SER B 232 -11.03 -14.57 2.58
CA SER B 232 -9.61 -14.22 2.73
C SER B 232 -8.97 -15.06 3.82
N ASP B 233 -7.67 -14.89 4.00
CA ASP B 233 -6.89 -15.68 4.96
C ASP B 233 -6.99 -17.15 4.61
N GLY B 234 -6.83 -17.46 3.33
CA GLY B 234 -6.91 -18.83 2.84
C GLY B 234 -8.15 -19.56 3.30
N GLY B 235 -9.31 -18.93 3.15
CA GLY B 235 -10.59 -19.57 3.44
C GLY B 235 -10.99 -19.55 4.90
N LYS B 236 -10.19 -18.92 5.75
CA LYS B 236 -10.45 -18.94 7.18
C LYS B 236 -11.31 -17.76 7.64
N LEU B 237 -11.29 -16.66 6.87
CA LEU B 237 -12.11 -15.50 7.15
C LEU B 237 -13.21 -15.34 6.10
N VAL B 238 -14.35 -14.80 6.54
CA VAL B 238 -15.41 -14.38 5.61
C VAL B 238 -15.89 -12.99 6.00
N THR B 239 -15.98 -12.11 5.00
CA THR B 239 -16.48 -10.76 5.18
C THR B 239 -17.81 -10.60 4.48
N TYR B 240 -18.86 -10.33 5.25
CA TYR B 240 -20.21 -10.19 4.70
C TYR B 240 -20.55 -8.73 4.49
N ILE B 241 -21.20 -8.44 3.36
CA ILE B 241 -21.59 -7.08 3.02
C ILE B 241 -23.07 -6.98 2.69
N SER B 242 -23.72 -5.96 3.24
CA SER B 242 -25.13 -5.67 2.95
C SER B 242 -25.23 -4.52 1.96
N PRO B 243 -26.24 -4.56 1.08
CA PRO B 243 -26.46 -3.57 0.01
C PRO B 243 -26.55 -2.15 0.53
N SER B 244 -25.71 -1.27 0.00
CA SER B 244 -25.68 0.14 0.40
C SER B 244 -25.54 0.29 1.91
N HIS B 245 -24.71 -0.55 2.52
CA HIS B 245 -24.61 -0.60 3.97
C HIS B 245 -23.30 -1.22 4.45
N GLU B 246 -23.17 -1.33 5.78
CA GLU B 246 -21.93 -1.75 6.40
C GLU B 246 -21.48 -3.15 6.03
N SER B 247 -20.25 -3.46 6.41
CA SER B 247 -19.66 -4.78 6.23
C SER B 247 -18.94 -5.19 7.50
N THR B 248 -18.85 -6.49 7.73
CA THR B 248 -18.15 -7.04 8.89
C THR B 248 -17.46 -8.34 8.52
N THR B 249 -16.41 -8.68 9.28
CA THR B 249 -15.60 -9.86 9.03
C THR B 249 -15.72 -10.84 10.17
N TYR B 250 -15.92 -12.12 9.84
CA TYR B 250 -16.07 -13.16 10.83
C TYR B 250 -15.16 -14.35 10.54
N PRO B 251 -14.73 -15.06 11.59
CA PRO B 251 -14.11 -16.38 11.36
C PRO B 251 -15.11 -17.29 10.66
N LEU B 252 -14.66 -18.11 9.73
CA LEU B 252 -15.58 -18.93 8.94
C LEU B 252 -16.14 -20.11 9.73
N VAL B 253 -15.36 -20.65 10.66
CA VAL B 253 -15.81 -21.78 11.45
C VAL B 253 -16.97 -21.37 12.35
N GLU B 254 -16.95 -20.12 12.80
CA GLU B 254 -17.98 -19.60 13.70
C GLU B 254 -19.29 -19.32 12.97
N VAL B 255 -19.20 -18.90 11.72
CA VAL B 255 -20.40 -18.65 10.93
C VAL B 255 -21.15 -19.96 10.67
N LEU B 256 -20.39 -21.01 10.35
CA LEU B 256 -20.98 -22.33 10.15
C LEU B 256 -21.59 -22.84 11.45
N LYS B 257 -21.07 -22.36 12.58
CA LYS B 257 -21.60 -22.73 13.89
C LYS B 257 -22.93 -22.04 14.16
N TYR B 258 -23.06 -20.82 13.65
CA TYR B 258 -24.28 -20.05 13.86
C TYR B 258 -25.27 -20.28 12.71
N GLY B 259 -24.88 -21.12 11.75
CA GLY B 259 -25.76 -21.56 10.69
C GLY B 259 -26.10 -20.47 9.68
N ILE B 261 -24.86 -15.88 8.90
CA ILE B 261 -24.19 -14.70 9.43
C ILE B 261 -25.01 -14.16 10.60
N PRO B 262 -24.35 -13.59 11.61
CA PRO B 262 -25.11 -12.96 12.71
C PRO B 262 -26.12 -11.94 12.18
N GLY B 263 -25.69 -11.06 11.29
CA GLY B 263 -26.62 -10.28 10.49
C GLY B 263 -27.02 -11.15 9.32
N TYR B 264 -28.27 -11.61 9.31
CA TYR B 264 -28.67 -12.67 8.39
C TYR B 264 -30.08 -12.55 7.82
N PRO B 265 -30.28 -13.14 6.64
CA PRO B 265 -31.53 -13.50 5.96
C PRO B 265 -31.80 -14.99 6.18
N ASN B 268 -30.02 -18.36 2.86
CA ASN B 268 -29.15 -17.66 1.92
C ASN B 268 -27.70 -18.15 1.98
N PHE B 269 -27.13 -18.17 3.18
CA PHE B 269 -25.69 -18.36 3.35
C PHE B 269 -25.18 -19.71 2.85
N ARG B 270 -25.76 -20.80 3.33
CA ARG B 270 -25.27 -22.13 3.00
C ARG B 270 -25.40 -22.40 1.51
N GLU B 271 -26.43 -21.83 0.89
CA GLU B 271 -26.63 -21.97 -0.55
C GLU B 271 -25.57 -21.20 -1.31
N LYS B 272 -25.13 -20.09 -0.74
CA LYS B 272 -24.09 -19.27 -1.35
C LYS B 272 -22.73 -19.92 -1.23
N LEU B 273 -22.46 -20.54 -0.07
CA LEU B 273 -21.16 -21.16 0.17
C LEU B 273 -20.96 -22.33 -0.78
N THR B 274 -22.04 -23.04 -1.09
CA THR B 274 -21.98 -24.16 -2.03
C THR B 274 -21.61 -23.66 -3.42
N LEU B 275 -22.12 -22.48 -3.78
CA LEU B 275 -21.79 -21.84 -5.04
C LEU B 275 -20.32 -21.44 -5.09
N ILE B 276 -19.86 -20.83 -4.00
CA ILE B 276 -18.48 -20.39 -3.87
C ILE B 276 -17.52 -21.54 -4.10
N LYS B 277 -17.80 -22.68 -3.48
CA LYS B 277 -16.96 -23.87 -3.66
C LYS B 277 -17.09 -24.40 -5.08
N GLU B 278 -18.30 -24.38 -5.62
CA GLU B 278 -18.52 -24.83 -6.99
C GLU B 278 -17.73 -23.97 -7.97
N GLY B 279 -17.59 -22.70 -7.64
CA GLY B 279 -16.82 -21.78 -8.47
C GLY B 279 -15.34 -21.95 -8.26
N LEU B 280 -14.93 -22.14 -7.01
CA LEU B 280 -13.53 -22.38 -6.69
C LEU B 280 -13.02 -23.64 -7.39
N LYS B 281 -13.81 -24.71 -7.30
CA LYS B 281 -13.43 -25.99 -7.89
C LYS B 281 -13.38 -25.89 -9.41
N GLN B 282 -14.33 -25.15 -9.98
CA GLN B 282 -14.32 -24.91 -11.42
C GLN B 282 -12.99 -24.34 -11.89
N LYS B 283 -12.54 -23.30 -11.19
CA LYS B 283 -11.33 -22.58 -11.58
C LYS B 283 -10.05 -23.35 -11.26
N SER B 284 -10.08 -24.16 -10.21
CA SER B 284 -8.93 -24.98 -9.85
C SER B 284 -8.65 -26.00 -10.95
N THR B 285 -9.68 -26.30 -11.75
CA THR B 285 -9.57 -27.28 -12.82
C THR B 285 -9.07 -26.64 -14.11
N ILE B 286 -9.20 -25.31 -14.22
CA ILE B 286 -8.78 -24.60 -15.43
C ILE B 286 -7.27 -24.36 -15.40
N VAL B 287 -6.51 -25.34 -15.88
CA VAL B 287 -5.06 -25.27 -15.88
C VAL B 287 -4.51 -24.96 -17.27
N THR B 288 -5.13 -25.55 -18.29
CA THR B 288 -4.70 -25.36 -19.68
C THR B 288 -5.16 -24.02 -20.23
N VAL B 289 -4.63 -23.67 -21.40
CA VAL B 289 -5.07 -22.48 -22.13
C VAL B 289 -5.75 -22.91 -23.43
N LEU C 2 -0.94 20.14 -1.61
CA LEU C 2 -0.60 20.69 -0.30
C LEU C 2 -0.74 19.64 0.78
N ALA C 3 0.30 19.52 1.61
CA ALA C 3 0.28 18.62 2.76
C ALA C 3 0.88 19.30 3.97
N GLN C 4 0.52 18.80 5.15
CA GLN C 4 0.96 19.39 6.40
C GLN C 4 0.90 18.35 7.52
N SER C 5 1.42 18.71 8.69
CA SER C 5 1.35 17.83 9.85
C SER C 5 -0.05 17.87 10.46
N SEP C 6 -0.21 17.14 11.56
CA SEP C 6 -1.51 17.11 12.24
CB SEP C 6 -1.40 16.27 13.53
OG SEP C 6 -1.31 14.87 13.31
C SEP C 6 -2.06 18.47 12.58
O SEP C 6 -1.29 19.36 13.11
P SEP C 6 0.01 14.03 13.73
O1P SEP C 6 0.81 15.04 14.52
O2P SEP C 6 0.60 13.62 12.41
O3P SEP C 6 -0.53 12.89 14.56
HA SEP C 6 -2.24 16.66 11.54
N PRO C 7 -3.36 18.68 12.23
CA PRO C 7 -3.97 19.98 12.53
C PRO C 7 -4.32 20.16 14.00
N ALA C 8 -4.69 21.37 14.37
CA ALA C 8 -5.11 21.68 15.74
C ALA C 8 -6.59 21.37 15.95
N LEU D 2 -23.15 -4.60 -20.92
CA LEU D 2 -22.82 -3.39 -20.18
C LEU D 2 -23.22 -3.54 -18.71
N ALA D 3 -22.66 -4.54 -18.04
CA ALA D 3 -22.99 -4.78 -16.63
C ALA D 3 -22.15 -3.89 -15.73
N GLN D 4 -22.70 -3.59 -14.55
CA GLN D 4 -22.03 -2.73 -13.59
C GLN D 4 -22.53 -3.02 -12.17
N SER D 5 -21.86 -2.41 -11.18
CA SER D 5 -22.23 -2.59 -9.79
C SER D 5 -23.53 -1.85 -9.48
N SEP D 6 -24.00 -2.00 -8.24
CA SEP D 6 -25.24 -1.37 -7.80
CB SEP D 6 -25.44 -1.65 -6.31
OG SEP D 6 -26.18 -2.85 -6.16
C SEP D 6 -25.23 0.13 -8.07
O SEP D 6 -24.17 0.76 -7.98
P SEP D 6 -25.16 -4.01 -5.76
O1P SEP D 6 -24.79 -3.88 -4.33
O2P SEP D 6 -23.83 -3.91 -6.65
O3P SEP D 6 -25.86 -5.44 -6.01
HA SEP D 6 -25.99 -1.76 -8.28
N PRO D 7 -26.40 0.71 -8.39
CA PRO D 7 -26.43 2.15 -8.70
C PRO D 7 -26.75 3.02 -7.50
N ALA D 8 -26.07 4.15 -7.37
CA ALA D 8 -26.39 5.16 -6.36
C ALA D 8 -25.63 6.45 -6.65
CL CL E . 8.68 19.78 -3.65
CL CL F . -14.13 -9.88 -22.19
#